data_8YXT
#
_entry.id   8YXT
#
_cell.length_a   88.712
_cell.length_b   88.712
_cell.length_c   139.892
_cell.angle_alpha   90.00
_cell.angle_beta   90.00
_cell.angle_gamma   90.00
#
_symmetry.space_group_name_H-M   'P 43 2 2'
#
loop_
_entity.id
_entity.type
_entity.pdbx_description
1 polymer PtmB
2 non-polymer 'PROTOPORPHYRIN IX CONTAINING FE'
3 water water
#
_entity_poly.entity_id   1
_entity_poly.type   'polypeptide(L)'
_entity_poly.pdbx_seq_one_letter_code
;MTTTAQRDPVLPGTAHHPPLPDFPLSRRGDILPAEAERLRAEQPVARVRTMTGDEAWLVSSYELAKQVLEDDRFSLKDTA
NPGVPRQYALTIPPEVVNNMGNINSAGLRNAVMKTLSPQADRELGGWLEAQAHQLLDRLIEQGPPADLRDGFTEPYSAAL
HCRLLGIPTDDWRRLMSGIDVAFITSPRTFEGSAVNWYKDLGYMVDRLNADPEPTEGLLGRFAELRRSPDVSDQVSDELL
ATVALSLFGAGAVSTSAFLQHAIIALAQQPELADRLRAEPAVIGRAVDELLRYNLSIGDALPRIALADVRLGEVEIRAGE
LVLVLIEGANYDPAVFPHPERIDFDRESNPHLAFGGGQHFCPASALGRTHAEIALTALVEKLPALRLALPVEQLAWRPGF
IKRLPERLPVLW
;
_entity_poly.pdbx_strand_id   A
#
# COMPACT_ATOMS: atom_id res chain seq x y z
N PRO A 18 -4.04 -22.21 26.85
CA PRO A 18 -4.37 -22.46 25.43
C PRO A 18 -3.24 -22.01 24.50
N PRO A 19 -3.32 -22.34 23.21
CA PRO A 19 -2.31 -21.85 22.27
C PRO A 19 -2.77 -20.62 21.49
N LEU A 20 -1.96 -19.56 21.47
CA LEU A 20 -2.35 -18.34 20.77
C LEU A 20 -2.34 -18.56 19.25
N PRO A 21 -3.35 -18.06 18.54
CA PRO A 21 -3.24 -18.01 17.07
C PRO A 21 -2.04 -17.17 16.66
N ASP A 22 -1.35 -17.60 15.59
CA ASP A 22 -0.18 -16.88 15.09
C ASP A 22 -0.58 -15.80 14.08
N PHE A 23 0.22 -14.73 14.05
CA PHE A 23 0.06 -13.64 13.10
C PHE A 23 1.42 -13.34 12.47
N PRO A 24 1.48 -13.03 11.17
CA PRO A 24 0.45 -12.74 10.15
C PRO A 24 -0.27 -13.96 9.65
N LEU A 25 -1.18 -13.76 8.70
CA LEU A 25 -2.23 -14.74 8.46
C LEU A 25 -1.89 -15.75 7.36
N SER A 26 -1.36 -15.29 6.21
CA SER A 26 -1.16 -16.18 5.05
C SER A 26 -0.59 -15.22 4.03
N ARG A 27 0.24 -15.76 3.12
CA ARG A 27 0.93 -14.92 2.14
C ARG A 27 0.07 -15.04 0.89
N ARG A 28 -0.69 -16.12 0.72
CA ARG A 28 -1.50 -16.28 -0.47
C ARG A 28 -2.54 -15.16 -0.57
N GLY A 29 -2.55 -14.46 -1.69
CA GLY A 29 -3.29 -13.23 -1.74
C GLY A 29 -4.49 -13.27 -2.65
N ASP A 30 -4.84 -14.44 -3.19
CA ASP A 30 -5.92 -14.45 -4.17
C ASP A 30 -7.25 -14.92 -3.59
N ILE A 31 -7.30 -15.34 -2.32
CA ILE A 31 -8.55 -15.57 -1.61
C ILE A 31 -8.35 -15.18 -0.16
N LEU A 32 -9.44 -14.77 0.48
CA LEU A 32 -9.39 -14.37 1.87
C LEU A 32 -8.84 -15.51 2.71
N PRO A 33 -7.94 -15.25 3.65
CA PRO A 33 -7.50 -16.31 4.57
C PRO A 33 -8.66 -16.81 5.42
N ALA A 34 -8.89 -18.13 5.37
CA ALA A 34 -9.94 -18.74 6.19
C ALA A 34 -9.84 -18.31 7.65
N GLU A 35 -8.62 -18.07 8.14
CA GLU A 35 -8.44 -17.71 9.54
C GLU A 35 -8.96 -16.29 9.82
N ALA A 36 -8.87 -15.37 8.85
CA ALA A 36 -9.43 -14.05 9.06
C ALA A 36 -10.97 -14.09 9.18
N GLU A 37 -11.62 -15.05 8.49
CA GLU A 37 -13.07 -15.18 8.66
C GLU A 37 -13.42 -15.76 10.02
N ARG A 38 -12.65 -16.74 10.51
CA ARG A 38 -12.92 -17.32 11.82
C ARG A 38 -12.67 -16.32 12.95
N LEU A 39 -11.60 -15.51 12.84
CA LEU A 39 -11.33 -14.53 13.89
C LEU A 39 -12.48 -13.53 14.01
N ARG A 40 -12.96 -13.00 12.90
CA ARG A 40 -14.05 -12.03 12.96
C ARG A 40 -15.31 -12.64 13.56
N ALA A 41 -15.57 -13.90 13.25
CA ALA A 41 -16.82 -14.50 13.73
C ALA A 41 -16.71 -14.92 15.19
N GLU A 42 -15.55 -15.42 15.60
CA GLU A 42 -15.40 -16.05 16.91
C GLU A 42 -14.84 -15.12 17.95
N GLN A 43 -13.75 -14.42 17.65
CA GLN A 43 -13.09 -13.52 18.59
C GLN A 43 -12.67 -12.26 17.85
N PRO A 44 -13.63 -11.33 17.63
CA PRO A 44 -13.31 -10.12 16.85
C PRO A 44 -12.15 -9.35 17.39
N VAL A 45 -11.94 -9.41 18.71
CA VAL A 45 -10.73 -8.93 19.35
C VAL A 45 -10.10 -10.15 19.99
N ALA A 46 -8.85 -10.45 19.62
CA ALA A 46 -8.20 -11.70 19.98
C ALA A 46 -6.72 -11.46 20.28
N ARG A 47 -6.21 -12.17 21.29
CA ARG A 47 -4.78 -12.19 21.56
C ARG A 47 -4.09 -13.07 20.53
N VAL A 48 -3.00 -12.56 19.96
CA VAL A 48 -2.23 -13.33 18.98
C VAL A 48 -0.76 -13.14 19.24
N ARG A 49 0.03 -14.13 18.82
CA ARG A 49 1.48 -14.09 18.95
C ARG A 49 2.05 -13.58 17.64
N THR A 50 2.74 -12.45 17.67
CA THR A 50 3.31 -11.96 16.43
C THR A 50 4.60 -12.71 16.11
N MET A 51 5.14 -12.43 14.91
CA MET A 51 6.36 -13.12 14.48
C MET A 51 7.58 -12.74 15.32
N THR A 52 7.53 -11.65 16.08
CA THR A 52 8.61 -11.36 17.02
C THR A 52 8.49 -12.12 18.32
N GLY A 53 7.34 -12.74 18.59
CA GLY A 53 7.08 -13.36 19.86
C GLY A 53 6.31 -12.50 20.84
N ASP A 54 6.28 -11.18 20.64
CA ASP A 54 5.39 -10.36 21.45
C ASP A 54 3.94 -10.76 21.21
N GLU A 55 3.08 -10.48 22.17
CA GLU A 55 1.63 -10.66 21.98
C GLU A 55 0.97 -9.33 21.61
N ALA A 56 -0.25 -9.43 21.06
CA ALA A 56 -0.95 -8.25 20.58
C ALA A 56 -2.44 -8.55 20.46
N TRP A 57 -3.24 -7.50 20.33
CA TRP A 57 -4.68 -7.64 20.14
C TRP A 57 -5.01 -7.47 18.66
N LEU A 58 -5.57 -8.52 18.05
CA LEU A 58 -5.96 -8.49 16.64
C LEU A 58 -7.44 -8.14 16.54
N VAL A 59 -7.73 -6.97 15.97
CA VAL A 59 -9.09 -6.45 15.82
C VAL A 59 -9.56 -6.72 14.40
N SER A 60 -10.59 -7.57 14.21
CA SER A 60 -10.89 -8.06 12.88
C SER A 60 -12.35 -7.87 12.45
N SER A 61 -13.11 -7.00 13.11
CA SER A 61 -14.48 -6.68 12.71
C SER A 61 -14.54 -5.21 12.30
N TYR A 62 -15.48 -4.90 11.40
CA TYR A 62 -15.51 -3.56 10.83
C TYR A 62 -15.81 -2.52 11.89
N GLU A 63 -16.84 -2.75 12.69
CA GLU A 63 -17.17 -1.76 13.70
C GLU A 63 -16.01 -1.53 14.65
N LEU A 64 -15.43 -2.60 15.20
CA LEU A 64 -14.34 -2.48 16.16
C LEU A 64 -13.10 -1.90 15.50
N ALA A 65 -12.80 -2.30 14.26
CA ALA A 65 -11.65 -1.76 13.56
C ALA A 65 -11.81 -0.27 13.27
N LYS A 66 -13.03 0.15 12.92
CA LYS A 66 -13.28 1.58 12.75
C LYS A 66 -13.11 2.32 14.07
N GLN A 67 -13.59 1.74 15.16
CA GLN A 67 -13.43 2.37 16.47
C GLN A 67 -11.97 2.68 16.76
N VAL A 68 -11.09 1.66 16.67
CA VAL A 68 -9.67 1.83 16.98
C VAL A 68 -9.04 2.93 16.13
N LEU A 69 -9.36 2.95 14.83
CA LEU A 69 -8.68 3.88 13.93
C LEU A 69 -9.07 5.32 14.21
N GLU A 70 -10.27 5.54 14.73
CA GLU A 70 -10.80 6.88 14.94
C GLU A 70 -10.64 7.35 16.38
N ASP A 71 -9.91 6.60 17.19
CA ASP A 71 -9.73 6.85 18.63
C ASP A 71 -8.23 7.03 18.87
N ASP A 72 -7.83 8.29 19.08
CA ASP A 72 -6.42 8.63 19.20
C ASP A 72 -5.77 8.17 20.51
N ARG A 73 -6.54 7.60 21.44
CA ARG A 73 -5.90 6.89 22.54
C ARG A 73 -5.08 5.70 22.04
N PHE A 74 -5.35 5.21 20.84
CA PHE A 74 -4.53 4.20 20.18
C PHE A 74 -3.58 4.94 19.23
N SER A 75 -2.28 4.77 19.42
CA SER A 75 -1.29 5.66 18.82
C SER A 75 -0.35 4.95 17.85
N LEU A 76 -0.27 5.47 16.62
CA LEU A 76 0.69 4.98 15.65
C LEU A 76 2.08 5.50 15.94
N LYS A 77 2.19 6.78 16.32
CA LYS A 77 3.48 7.36 16.66
C LYS A 77 4.25 6.49 17.66
N ASP A 78 3.55 5.97 18.66
CA ASP A 78 4.23 5.27 19.75
C ASP A 78 4.59 3.82 19.42
N THR A 79 4.12 3.28 18.28
CA THR A 79 4.53 1.92 17.89
C THR A 79 6.02 1.83 17.56
N ALA A 80 6.70 2.95 17.35
CA ALA A 80 8.14 2.95 17.10
C ALA A 80 8.98 3.28 18.34
N ASN A 81 8.38 3.35 19.53
CA ASN A 81 9.18 3.61 20.73
C ASN A 81 10.00 2.39 21.09
N PRO A 82 11.21 2.58 21.62
CA PRO A 82 11.95 1.45 22.19
C PRO A 82 11.13 0.78 23.27
N GLY A 83 11.12 -0.55 23.24
CA GLY A 83 10.58 -1.33 24.32
C GLY A 83 9.17 -1.80 24.12
N VAL A 84 8.40 -1.20 23.21
CA VAL A 84 6.98 -1.53 23.05
C VAL A 84 6.92 -2.87 22.33
N PRO A 85 5.82 -3.61 22.39
CA PRO A 85 5.71 -4.83 21.58
C PRO A 85 5.58 -4.48 20.09
N ARG A 86 6.10 -5.38 19.24
CA ARG A 86 6.16 -5.15 17.81
C ARG A 86 5.56 -6.32 17.04
N GLN A 87 4.94 -6.03 15.89
CA GLN A 87 4.61 -7.12 14.98
C GLN A 87 5.80 -7.55 14.11
N TYR A 88 6.79 -6.68 13.92
CA TYR A 88 8.06 -7.02 13.27
C TYR A 88 9.07 -5.92 13.54
N ALA A 89 10.34 -6.24 13.37
CA ALA A 89 11.37 -5.27 13.68
C ALA A 89 11.21 -4.01 12.82
N LEU A 90 11.61 -2.88 13.37
CA LEU A 90 11.67 -1.67 12.57
C LEU A 90 12.79 -1.78 11.54
N THR A 91 12.53 -1.28 10.35
CA THR A 91 13.59 -1.21 9.35
C THR A 91 14.21 0.17 9.29
N ILE A 92 13.45 1.19 9.65
CA ILE A 92 14.00 2.54 9.79
C ILE A 92 14.74 2.62 11.13
N PRO A 93 15.93 3.22 11.19
CA PRO A 93 16.61 3.43 12.51
C PRO A 93 16.11 4.69 13.19
N PRO A 94 16.32 4.83 14.57
CA PRO A 94 15.89 6.02 15.35
C PRO A 94 15.29 7.25 14.65
N SER A 105 5.00 19.65 12.07
CA SER A 105 5.68 20.40 13.12
C SER A 105 6.72 21.39 12.61
N ALA A 106 6.89 21.52 11.30
CA ALA A 106 7.91 22.43 10.76
C ALA A 106 7.44 23.02 9.44
N GLY A 107 6.14 23.30 9.31
CA GLY A 107 5.61 23.93 8.13
C GLY A 107 5.89 23.19 6.84
N LEU A 108 6.29 21.92 6.93
CA LEU A 108 6.50 21.07 5.76
C LEU A 108 5.19 20.53 5.23
N ARG A 109 4.19 20.38 6.10
CA ARG A 109 2.89 19.86 5.71
C ARG A 109 2.48 20.44 4.38
N ASN A 110 2.72 21.75 4.18
CA ASN A 110 2.35 22.36 2.92
C ASN A 110 3.15 21.76 1.77
N ALA A 111 4.48 21.76 1.89
CA ALA A 111 5.27 21.15 0.83
C ALA A 111 4.75 19.76 0.52
N VAL A 112 4.40 18.99 1.55
CA VAL A 112 3.93 17.63 1.35
C VAL A 112 2.51 17.63 0.80
N MET A 113 1.58 18.33 1.48
CA MET A 113 0.18 18.29 1.05
C MET A 113 0.00 18.84 -0.37
N LYS A 114 0.81 19.83 -0.77
CA LYS A 114 0.72 20.31 -2.15
C LYS A 114 1.12 19.24 -3.15
N THR A 115 2.05 18.38 -2.81
CA THR A 115 2.47 17.35 -3.74
C THR A 115 1.45 16.21 -3.88
N LEU A 116 0.61 15.99 -2.86
CA LEU A 116 -0.35 14.89 -2.86
C LEU A 116 -1.75 15.32 -3.29
N SER A 117 -1.89 16.50 -3.89
CA SER A 117 -3.15 16.94 -4.47
C SER A 117 -3.06 16.71 -5.96
N PRO A 118 -3.75 15.70 -6.53
CA PRO A 118 -3.67 15.50 -7.98
C PRO A 118 -4.13 16.74 -8.74
N GLN A 119 -4.69 17.69 -7.96
CA GLN A 119 -5.13 19.00 -8.43
C GLN A 119 -4.06 20.07 -8.29
N ALA A 120 -2.86 19.73 -7.82
CA ALA A 120 -1.73 20.63 -7.89
C ALA A 120 -0.76 20.24 -9.00
N ASP A 121 -1.12 19.27 -9.84
CA ASP A 121 -0.42 18.97 -11.09
C ASP A 121 -1.50 18.66 -12.11
N ARG A 122 -1.83 19.65 -12.94
CA ARG A 122 -2.87 19.47 -13.94
C ARG A 122 -2.50 18.37 -14.94
N GLU A 123 -1.21 18.18 -15.19
CA GLU A 123 -0.74 17.29 -16.24
C GLU A 123 -0.60 15.84 -15.80
N LEU A 124 -0.83 15.54 -14.52
CA LEU A 124 -0.61 14.19 -14.01
C LEU A 124 -1.43 13.16 -14.78
N GLY A 125 -2.74 13.37 -14.89
CA GLY A 125 -3.61 12.45 -15.61
C GLY A 125 -3.06 12.01 -16.96
N GLY A 126 -2.86 12.95 -17.87
CA GLY A 126 -2.41 12.59 -19.20
C GLY A 126 -1.01 12.02 -19.22
N TRP A 127 -0.14 12.48 -18.32
CA TRP A 127 1.22 11.93 -18.28
C TRP A 127 1.19 10.48 -17.84
N LEU A 128 0.37 10.17 -16.82
CA LEU A 128 0.19 8.79 -16.38
C LEU A 128 -0.37 7.93 -17.49
N GLU A 129 -1.35 8.44 -18.23
CA GLU A 129 -1.91 7.65 -19.34
C GLU A 129 -0.85 7.36 -20.38
N ALA A 130 0.05 8.32 -20.62
CA ALA A 130 1.08 8.09 -21.63
C ALA A 130 2.10 7.06 -21.14
N GLN A 131 2.48 7.13 -19.86
CA GLN A 131 3.40 6.13 -19.29
C GLN A 131 2.79 4.73 -19.36
N ALA A 132 1.53 4.60 -18.95
CA ALA A 132 0.84 3.31 -18.99
C ALA A 132 0.85 2.73 -20.40
N HIS A 133 0.44 3.55 -21.39
CA HIS A 133 0.39 3.04 -22.75
C HIS A 133 1.78 2.77 -23.28
N GLN A 134 2.76 3.58 -22.88
CA GLN A 134 4.13 3.30 -23.28
C GLN A 134 4.55 1.92 -22.84
N LEU A 135 4.45 1.64 -21.52
CA LEU A 135 4.74 0.31 -21.02
C LEU A 135 3.87 -0.75 -21.67
N LEU A 136 2.57 -0.49 -21.80
CA LEU A 136 1.68 -1.48 -22.41
C LEU A 136 2.04 -1.73 -23.87
N ASP A 137 2.37 -0.68 -24.63
CA ASP A 137 2.76 -0.88 -26.03
C ASP A 137 4.03 -1.72 -26.14
N ARG A 138 5.00 -1.48 -25.25
CA ARG A 138 6.23 -2.27 -25.25
C ARG A 138 5.93 -3.76 -25.09
N LEU A 139 5.02 -4.11 -24.18
CA LEU A 139 4.68 -5.52 -23.99
C LEU A 139 3.97 -6.09 -25.21
N ILE A 140 3.12 -5.29 -25.86
CA ILE A 140 2.38 -5.77 -27.01
C ILE A 140 3.33 -6.11 -28.16
N GLU A 141 4.35 -5.28 -28.40
CA GLU A 141 5.29 -5.60 -29.48
C GLU A 141 6.09 -6.87 -29.22
N GLN A 142 6.40 -7.16 -27.97
CA GLN A 142 7.16 -8.38 -27.64
C GLN A 142 6.24 -9.61 -27.70
N GLY A 143 4.94 -9.43 -27.49
CA GLY A 143 4.00 -10.53 -27.50
C GLY A 143 3.93 -11.27 -26.18
N PRO A 144 2.81 -11.92 -25.92
CA PRO A 144 2.63 -12.66 -24.66
C PRO A 144 3.48 -13.91 -24.65
N PRO A 145 3.78 -14.47 -23.47
CA PRO A 145 3.40 -13.90 -22.16
C PRO A 145 4.29 -12.76 -21.70
N ALA A 146 3.76 -11.93 -20.82
CA ALA A 146 4.56 -10.93 -20.14
C ALA A 146 4.30 -11.03 -18.64
N ASP A 147 5.33 -10.67 -17.87
CA ASP A 147 5.22 -10.51 -16.43
C ASP A 147 4.76 -9.08 -16.16
N LEU A 148 3.50 -8.92 -15.74
CA LEU A 148 2.95 -7.59 -15.50
C LEU A 148 3.44 -6.93 -14.21
N ARG A 149 4.24 -7.61 -13.39
CA ARG A 149 4.86 -6.89 -12.28
C ARG A 149 6.08 -6.13 -12.79
N ASP A 150 7.05 -6.81 -13.38
CA ASP A 150 8.25 -6.12 -13.92
C ASP A 150 7.94 -5.29 -15.17
N GLY A 151 6.84 -5.56 -15.87
CA GLY A 151 6.53 -4.85 -17.12
C GLY A 151 5.60 -3.68 -16.90
N PHE A 152 4.69 -3.79 -15.95
CA PHE A 152 3.76 -2.68 -15.60
C PHE A 152 3.68 -2.70 -14.09
N THR A 153 2.98 -1.81 -13.40
CA THR A 153 2.98 -1.79 -11.91
C THR A 153 4.31 -1.38 -11.30
N GLU A 154 5.39 -2.12 -11.51
CA GLU A 154 6.70 -1.69 -10.97
C GLU A 154 7.15 -0.42 -11.73
N PRO A 155 7.52 -0.43 -13.03
CA PRO A 155 7.97 0.83 -13.65
C PRO A 155 6.91 1.91 -13.61
N TYR A 156 5.64 1.54 -13.67
CA TYR A 156 4.58 2.54 -13.64
C TYR A 156 4.44 3.17 -12.27
N SER A 157 4.70 2.42 -11.19
CA SER A 157 4.63 3.04 -9.88
C SER A 157 5.91 3.80 -9.54
N ALA A 158 7.06 3.34 -10.04
CA ALA A 158 8.28 4.11 -9.84
C ALA A 158 8.17 5.45 -10.56
N ALA A 159 7.80 5.40 -11.86
CA ALA A 159 7.66 6.62 -12.64
C ALA A 159 6.74 7.61 -11.95
N LEU A 160 5.58 7.16 -11.47
CA LEU A 160 4.70 8.09 -10.76
C LEU A 160 5.43 8.75 -9.62
N HIS A 161 6.12 7.97 -8.80
CA HIS A 161 6.69 8.54 -7.59
C HIS A 161 7.97 9.31 -7.88
N CYS A 162 8.70 8.94 -8.93
CA CYS A 162 9.82 9.75 -9.37
C CYS A 162 9.34 11.14 -9.78
N ARG A 163 8.17 11.22 -10.41
CA ARG A 163 7.64 12.52 -10.79
C ARG A 163 7.12 13.26 -9.58
N LEU A 164 6.51 12.54 -8.64
CA LEU A 164 6.01 13.16 -7.41
C LEU A 164 7.12 13.91 -6.70
N LEU A 165 8.34 13.40 -6.75
CA LEU A 165 9.48 14.03 -6.11
C LEU A 165 10.27 14.94 -7.03
N GLY A 166 10.06 14.86 -8.33
CA GLY A 166 10.85 15.67 -9.24
C GLY A 166 12.27 15.18 -9.40
N ILE A 167 12.44 13.86 -9.44
CA ILE A 167 13.77 13.25 -9.70
C ILE A 167 13.58 12.35 -10.93
N PRO A 168 14.62 12.07 -11.74
CA PRO A 168 14.40 11.27 -12.94
C PRO A 168 14.08 9.78 -12.75
N THR A 169 13.36 9.18 -13.70
CA THR A 169 13.03 7.76 -13.65
C THR A 169 14.21 6.86 -14.01
N ASP A 170 15.41 7.42 -14.19
CA ASP A 170 16.54 6.64 -14.68
C ASP A 170 16.87 5.46 -13.78
N ASP A 171 16.83 5.65 -12.46
CA ASP A 171 17.31 4.66 -11.50
C ASP A 171 16.20 3.80 -10.90
N TRP A 172 15.03 3.71 -11.56
CA TRP A 172 13.87 3.14 -10.88
C TRP A 172 14.16 1.71 -10.39
N ARG A 173 14.87 0.91 -11.18
CA ARG A 173 15.21 -0.45 -10.71
C ARG A 173 15.95 -0.41 -9.39
N ARG A 174 16.91 0.52 -9.23
CA ARG A 174 17.66 0.60 -7.98
C ARG A 174 16.78 1.09 -6.83
N LEU A 175 15.83 1.98 -7.12
CA LEU A 175 14.94 2.51 -6.08
C LEU A 175 13.92 1.45 -5.64
N MET A 176 13.30 0.75 -6.60
CA MET A 176 12.38 -0.32 -6.24
C MET A 176 13.10 -1.44 -5.49
N SER A 177 14.33 -1.76 -5.87
CA SER A 177 15.08 -2.78 -5.15
C SER A 177 15.30 -2.36 -3.70
N GLY A 178 15.52 -1.05 -3.45
CA GLY A 178 15.61 -0.59 -2.09
C GLY A 178 14.34 -0.83 -1.31
N ILE A 179 13.19 -0.73 -1.98
CA ILE A 179 11.90 -1.06 -1.35
C ILE A 179 11.85 -2.54 -0.94
N ASP A 180 12.37 -3.42 -1.80
CA ASP A 180 12.41 -4.85 -1.50
C ASP A 180 12.97 -5.12 -0.11
N VAL A 181 14.01 -4.38 0.30
CA VAL A 181 14.60 -4.54 1.62
C VAL A 181 13.89 -3.72 2.69
N ALA A 182 13.59 -2.45 2.39
CA ALA A 182 13.01 -1.56 3.38
C ALA A 182 11.72 -2.10 3.98
N PHE A 183 10.95 -2.89 3.23
CA PHE A 183 9.64 -3.31 3.71
C PHE A 183 9.61 -4.78 4.07
N ILE A 184 10.78 -5.37 4.35
CA ILE A 184 10.86 -6.73 4.85
C ILE A 184 10.30 -6.77 6.26
N THR A 185 9.51 -7.81 6.56
CA THR A 185 9.05 -8.08 7.92
C THR A 185 9.94 -9.15 8.52
N SER A 186 10.75 -8.76 9.53
CA SER A 186 11.72 -9.64 10.16
C SER A 186 11.47 -9.77 11.66
N PRO A 187 11.57 -10.97 12.20
CA PRO A 187 11.38 -11.17 13.65
C PRO A 187 12.34 -10.37 14.50
N ARG A 188 13.56 -10.13 14.02
CA ARG A 188 14.60 -9.38 14.73
C ARG A 188 15.16 -8.36 13.75
N THR A 189 15.73 -7.28 14.28
CA THR A 189 16.39 -6.35 13.39
C THR A 189 17.49 -7.10 12.66
N PHE A 190 17.81 -6.63 11.45
CA PHE A 190 18.85 -7.24 10.65
C PHE A 190 19.75 -6.14 10.13
N GLU A 191 21.05 -6.42 10.09
CA GLU A 191 21.99 -5.50 9.45
C GLU A 191 21.42 -5.28 8.07
N GLY A 192 21.84 -4.25 7.36
CA GLY A 192 21.34 -4.21 6.01
C GLY A 192 20.07 -3.41 5.85
N SER A 193 19.14 -3.47 6.82
CA SER A 193 18.05 -2.49 6.74
C SER A 193 18.56 -1.11 7.10
N ALA A 194 19.51 -1.00 8.03
CA ALA A 194 20.09 0.30 8.31
C ALA A 194 20.97 0.75 7.14
N VAL A 195 21.81 -0.14 6.60
CA VAL A 195 22.65 0.23 5.46
C VAL A 195 21.79 0.64 4.28
N ASN A 196 20.70 -0.09 4.05
CA ASN A 196 19.78 0.23 2.98
C ASN A 196 19.15 1.60 3.20
N TRP A 197 18.78 1.91 4.43
CA TRP A 197 18.22 3.23 4.69
C TRP A 197 19.22 4.33 4.36
N TYR A 198 20.45 4.23 4.89
CA TYR A 198 21.36 5.35 4.67
C TYR A 198 21.80 5.41 3.21
N LYS A 199 21.76 4.29 2.51
CA LYS A 199 22.21 4.27 1.12
C LYS A 199 21.25 5.06 0.24
N ASP A 200 19.96 4.83 0.38
CA ASP A 200 19.04 5.62 -0.43
C ASP A 200 18.81 7.02 0.14
N LEU A 201 18.91 7.19 1.48
CA LEU A 201 18.88 8.54 2.03
C LEU A 201 19.91 9.41 1.34
N GLY A 202 21.11 8.87 1.12
CA GLY A 202 22.12 9.59 0.37
C GLY A 202 21.68 9.91 -1.04
N TYR A 203 20.89 9.03 -1.64
CA TYR A 203 20.45 9.28 -3.00
C TYR A 203 19.54 10.51 -3.05
N MET A 204 18.59 10.60 -2.13
CA MET A 204 17.71 11.76 -2.08
C MET A 204 18.51 13.05 -1.83
N VAL A 205 19.41 13.01 -0.84
CA VAL A 205 20.28 14.14 -0.55
C VAL A 205 20.99 14.59 -1.83
N ASP A 206 21.54 13.64 -2.60
CA ASP A 206 22.26 13.98 -3.83
C ASP A 206 21.34 14.67 -4.86
N ARG A 207 20.09 14.20 -5.00
CA ARG A 207 19.21 14.85 -5.96
C ARG A 207 18.82 16.25 -5.51
N LEU A 208 18.64 16.44 -4.20
CA LEU A 208 18.23 17.74 -3.68
C LEU A 208 19.37 18.75 -3.73
N ASN A 209 20.61 18.30 -3.60
CA ASN A 209 21.78 19.15 -3.61
C ASN A 209 22.53 19.07 -4.95
N ALA A 210 21.84 18.68 -6.01
CA ALA A 210 22.47 18.67 -7.33
C ALA A 210 22.70 20.10 -7.80
N ASP A 211 23.67 20.27 -8.72
CA ASP A 211 24.06 21.64 -9.16
C ASP A 211 22.86 22.36 -9.77
N PRO A 212 22.21 21.87 -10.84
CA PRO A 212 21.01 22.55 -11.32
C PRO A 212 19.95 22.27 -10.29
N GLU A 213 20.01 22.97 -9.15
CA GLU A 213 19.14 22.64 -8.00
C GLU A 213 17.77 22.21 -8.54
N PRO A 214 17.21 21.10 -8.05
CA PRO A 214 15.94 20.60 -8.55
C PRO A 214 14.75 21.52 -8.53
N THR A 215 14.07 21.62 -9.66
CA THR A 215 12.79 22.35 -9.68
C THR A 215 11.76 21.26 -9.87
N GLU A 216 10.48 21.55 -9.63
CA GLU A 216 9.38 20.56 -9.85
C GLU A 216 9.37 19.47 -8.76
N GLY A 217 8.20 19.22 -8.19
CA GLY A 217 8.08 18.11 -7.23
C GLY A 217 8.41 18.48 -5.81
N LEU A 218 8.30 17.51 -4.90
CA LEU A 218 8.63 17.73 -3.47
C LEU A 218 10.07 18.20 -3.37
N LEU A 219 10.96 17.65 -4.21
CA LEU A 219 12.33 18.12 -4.08
C LEU A 219 12.47 19.58 -4.52
N GLY A 220 11.66 20.01 -5.49
CA GLY A 220 11.65 21.42 -5.87
C GLY A 220 11.07 22.29 -4.76
N ARG A 221 9.92 21.90 -4.23
CA ARG A 221 9.36 22.60 -3.09
C ARG A 221 10.28 22.57 -1.88
N PHE A 222 11.21 21.61 -1.83
CA PHE A 222 12.12 21.52 -0.69
C PHE A 222 13.31 22.46 -0.87
N ALA A 223 13.92 22.50 -2.06
CA ALA A 223 15.01 23.44 -2.32
C ALA A 223 14.56 24.87 -2.10
N GLU A 224 13.30 25.17 -2.43
CA GLU A 224 12.76 26.49 -2.15
C GLU A 224 12.58 26.71 -0.65
N LEU A 225 11.91 25.77 0.04
CA LEU A 225 11.59 25.98 1.44
C LEU A 225 12.83 26.29 2.27
N ARG A 226 14.01 25.87 1.83
CA ARG A 226 15.27 26.15 2.54
C ARG A 226 15.96 27.41 2.04
N ARG A 227 15.21 28.35 1.49
CA ARG A 227 15.67 29.71 1.27
C ARG A 227 14.87 30.74 2.02
N SER A 228 13.59 30.44 2.30
CA SER A 228 12.69 31.26 3.09
C SER A 228 13.33 31.64 4.42
N PRO A 229 12.86 32.69 5.09
CA PRO A 229 13.57 33.17 6.30
C PRO A 229 13.18 32.46 7.59
N VAL A 235 14.51 22.94 9.71
CA VAL A 235 14.45 21.73 8.84
C VAL A 235 15.89 21.51 8.33
N SER A 236 16.31 20.25 8.27
CA SER A 236 17.70 19.93 7.86
C SER A 236 17.66 19.12 6.57
N ASP A 237 18.82 18.95 5.95
CA ASP A 237 18.91 18.15 4.73
C ASP A 237 18.61 16.68 5.00
N GLU A 238 19.21 16.10 6.04
CA GLU A 238 18.86 14.75 6.48
C GLU A 238 17.36 14.60 6.59
N LEU A 239 16.69 15.52 7.29
CA LEU A 239 15.24 15.38 7.54
C LEU A 239 14.43 15.60 6.26
N LEU A 240 14.89 16.46 5.37
CA LEU A 240 14.18 16.63 4.12
C LEU A 240 14.21 15.32 3.32
N ALA A 241 15.41 14.77 3.10
CA ALA A 241 15.56 13.53 2.37
C ALA A 241 14.79 12.39 3.03
N THR A 242 14.65 12.44 4.37
CA THR A 242 13.89 11.42 5.07
C THR A 242 12.43 11.40 4.60
N VAL A 243 11.82 12.58 4.50
CA VAL A 243 10.43 12.68 4.06
C VAL A 243 10.30 12.25 2.61
N ALA A 244 11.26 12.64 1.78
CA ALA A 244 11.28 12.18 0.40
C ALA A 244 11.37 10.65 0.34
N LEU A 245 12.22 10.05 1.18
CA LEU A 245 12.39 8.60 1.08
C LEU A 245 11.12 7.88 1.51
N SER A 246 10.58 8.21 2.69
CA SER A 246 9.41 7.48 3.17
C SER A 246 8.19 7.70 2.29
N LEU A 247 8.09 8.85 1.64
CA LEU A 247 6.95 9.05 0.77
C LEU A 247 7.07 8.21 -0.50
N PHE A 248 8.27 8.19 -1.09
CA PHE A 248 8.54 7.31 -2.23
C PHE A 248 8.32 5.84 -1.88
N GLY A 249 8.92 5.39 -0.78
CA GLY A 249 8.75 4.01 -0.37
C GLY A 249 7.30 3.65 -0.08
N ALA A 250 6.63 4.45 0.76
CA ALA A 250 5.26 4.13 1.15
C ALA A 250 4.32 4.06 -0.04
N GLY A 251 4.59 4.83 -1.10
CA GLY A 251 3.66 4.95 -2.20
C GLY A 251 3.94 3.98 -3.33
N ALA A 252 5.20 3.87 -3.72
CA ALA A 252 5.54 2.93 -4.79
C ALA A 252 5.18 1.51 -4.39
N VAL A 253 5.44 1.15 -3.12
CA VAL A 253 5.13 -0.20 -2.67
C VAL A 253 3.64 -0.40 -2.58
N SER A 254 2.89 0.61 -2.16
CA SER A 254 1.47 0.36 -1.95
C SER A 254 0.67 0.39 -3.25
N THR A 255 1.04 1.26 -4.19
CA THR A 255 0.30 1.31 -5.44
C THR A 255 0.64 0.11 -6.34
N SER A 256 1.92 -0.28 -6.37
CA SER A 256 2.30 -1.43 -7.15
C SER A 256 1.62 -2.71 -6.67
N ALA A 257 1.50 -2.90 -5.35
CA ALA A 257 0.92 -4.15 -4.84
C ALA A 257 -0.58 -4.19 -5.07
N PHE A 258 -1.27 -3.08 -4.83
CA PHE A 258 -2.70 -3.04 -5.07
C PHE A 258 -3.00 -3.27 -6.54
N LEU A 259 -2.21 -2.64 -7.39
CA LEU A 259 -2.43 -2.75 -8.83
C LEU A 259 -2.23 -4.19 -9.31
N GLN A 260 -1.26 -4.92 -8.74
CA GLN A 260 -1.14 -6.34 -9.11
C GLN A 260 -2.36 -7.13 -8.67
N HIS A 261 -2.91 -6.83 -7.49
CA HIS A 261 -4.16 -7.51 -7.08
C HIS A 261 -5.33 -7.12 -7.98
N ALA A 262 -5.43 -5.85 -8.36
CA ALA A 262 -6.49 -5.49 -9.29
C ALA A 262 -6.34 -6.26 -10.60
N ILE A 263 -5.11 -6.36 -11.11
CA ILE A 263 -4.89 -7.11 -12.35
C ILE A 263 -5.36 -8.55 -12.19
N ILE A 264 -4.97 -9.20 -11.09
CA ILE A 264 -5.36 -10.60 -10.88
C ILE A 264 -6.88 -10.74 -10.92
N ALA A 265 -7.59 -9.77 -10.33
CA ALA A 265 -9.05 -9.82 -10.39
C ALA A 265 -9.56 -9.73 -11.83
N LEU A 266 -9.08 -8.73 -12.59
CA LEU A 266 -9.58 -8.56 -13.96
C LEU A 266 -9.25 -9.76 -14.83
N ALA A 267 -8.08 -10.36 -14.63
CA ALA A 267 -7.69 -11.53 -15.40
C ALA A 267 -8.55 -12.75 -15.04
N GLN A 268 -8.96 -12.86 -13.79
CA GLN A 268 -9.72 -14.03 -13.36
C GLN A 268 -11.21 -13.86 -13.58
N GLN A 269 -11.74 -12.67 -13.47
CA GLN A 269 -13.15 -12.45 -13.74
C GLN A 269 -13.12 -11.52 -14.95
N PRO A 270 -13.02 -12.06 -16.17
CA PRO A 270 -13.03 -11.19 -17.35
C PRO A 270 -14.36 -10.48 -17.61
N GLU A 271 -15.48 -10.89 -17.00
CA GLU A 271 -16.68 -10.06 -17.12
C GLU A 271 -16.46 -8.65 -16.54
N LEU A 272 -15.53 -8.50 -15.58
CA LEU A 272 -15.26 -7.18 -15.02
C LEU A 272 -14.58 -6.26 -16.03
N ALA A 273 -13.63 -6.79 -16.80
CA ALA A 273 -13.02 -5.97 -17.84
C ALA A 273 -14.02 -5.63 -18.95
N ASP A 274 -14.94 -6.53 -19.28
CA ASP A 274 -16.00 -6.18 -20.23
C ASP A 274 -16.81 -5.00 -19.71
N ARG A 275 -17.20 -5.04 -18.43
CA ARG A 275 -17.91 -3.92 -17.82
C ARG A 275 -17.14 -2.62 -17.99
N LEU A 276 -15.82 -2.65 -17.74
CA LEU A 276 -15.03 -1.43 -17.85
C LEU A 276 -14.98 -0.91 -19.28
N ARG A 277 -14.79 -1.81 -20.25
CA ARG A 277 -14.82 -1.44 -21.67
C ARG A 277 -16.16 -0.79 -22.07
N ALA A 278 -17.26 -1.40 -21.66
CA ALA A 278 -18.58 -0.93 -22.09
C ALA A 278 -18.98 0.36 -21.42
N GLU A 279 -18.60 0.56 -20.15
CA GLU A 279 -19.05 1.69 -19.35
C GLU A 279 -17.81 2.32 -18.70
N PRO A 280 -16.97 3.00 -19.49
CA PRO A 280 -15.69 3.48 -18.97
C PRO A 280 -15.81 4.34 -17.72
N ALA A 281 -16.97 4.96 -17.54
CA ALA A 281 -17.16 5.86 -16.42
C ALA A 281 -17.32 5.13 -15.10
N VAL A 282 -17.48 3.80 -15.12
CA VAL A 282 -17.63 3.08 -13.86
C VAL A 282 -16.29 2.89 -13.15
N ILE A 283 -15.19 3.28 -13.80
CA ILE A 283 -13.84 3.01 -13.32
C ILE A 283 -13.63 3.56 -11.91
N GLY A 284 -14.34 4.63 -11.53
CA GLY A 284 -14.25 5.11 -10.16
C GLY A 284 -14.87 4.15 -9.18
N ARG A 285 -16.12 3.73 -9.44
CA ARG A 285 -16.77 2.74 -8.57
C ARG A 285 -16.04 1.41 -8.59
N ALA A 286 -15.38 1.07 -9.69
CA ALA A 286 -14.70 -0.21 -9.78
C ALA A 286 -13.39 -0.22 -8.99
N VAL A 287 -12.58 0.83 -9.11
CA VAL A 287 -11.37 0.89 -8.29
C VAL A 287 -11.74 0.89 -6.82
N ASP A 288 -12.81 1.63 -6.47
CA ASP A 288 -13.26 1.65 -5.09
C ASP A 288 -13.61 0.25 -4.60
N GLU A 289 -14.26 -0.57 -5.43
CA GLU A 289 -14.60 -1.92 -4.99
C GLU A 289 -13.38 -2.83 -4.96
N LEU A 290 -12.50 -2.74 -5.95
CA LEU A 290 -11.25 -3.49 -5.88
C LEU A 290 -10.45 -3.10 -4.64
N LEU A 291 -10.50 -1.83 -4.25
CA LEU A 291 -9.82 -1.43 -3.02
C LEU A 291 -10.39 -2.20 -1.82
N ARG A 292 -11.72 -2.23 -1.68
CA ARG A 292 -12.31 -3.03 -0.62
C ARG A 292 -11.85 -4.48 -0.71
N TYR A 293 -11.79 -5.01 -1.93
CA TYR A 293 -11.54 -6.44 -2.11
C TYR A 293 -10.08 -6.82 -1.85
N ASN A 294 -9.14 -5.93 -2.13
CA ASN A 294 -7.78 -6.40 -2.41
C ASN A 294 -7.10 -6.82 -1.12
N LEU A 295 -6.19 -7.79 -1.24
CA LEU A 295 -5.49 -8.38 -0.11
C LEU A 295 -4.01 -8.02 -0.09
N SER A 296 -3.64 -6.92 -0.74
CA SER A 296 -2.23 -6.54 -0.82
C SER A 296 -1.63 -6.19 0.53
N ILE A 297 -2.42 -6.01 1.57
CA ILE A 297 -1.91 -5.60 2.88
C ILE A 297 -1.56 -6.87 3.64
N GLY A 298 -0.28 -7.05 3.93
CA GLY A 298 0.19 -8.32 4.46
C GLY A 298 0.40 -8.33 5.95
N ASP A 299 0.23 -7.17 6.58
CA ASP A 299 0.36 -7.04 8.02
C ASP A 299 -0.96 -6.42 8.51
N ALA A 300 -0.91 -5.77 9.67
CA ALA A 300 -2.06 -5.11 10.25
C ALA A 300 -1.64 -3.71 10.61
N LEU A 301 -2.61 -2.81 10.73
CA LEU A 301 -2.30 -1.44 11.13
C LEU A 301 -2.00 -1.42 12.63
N PRO A 302 -0.80 -0.99 13.04
CA PRO A 302 -0.42 -1.10 14.47
C PRO A 302 -0.69 0.16 15.28
N ARG A 303 -1.19 -0.04 16.50
CA ARG A 303 -1.41 1.04 17.45
C ARG A 303 -0.98 0.60 18.84
N ILE A 304 -0.37 1.52 19.57
CA ILE A 304 0.01 1.32 20.97
C ILE A 304 -1.00 2.04 21.85
N ALA A 305 -1.69 1.29 22.70
CA ALA A 305 -2.70 1.88 23.59
C ALA A 305 -2.05 2.85 24.56
N LEU A 306 -2.43 4.14 24.47
CA LEU A 306 -1.94 5.11 25.46
C LEU A 306 -2.67 5.03 26.79
N ALA A 307 -3.87 4.45 26.83
CA ALA A 307 -4.62 4.32 28.07
C ALA A 307 -5.24 2.93 28.12
N ASP A 308 -5.85 2.60 29.26
CA ASP A 308 -6.76 1.46 29.28
C ASP A 308 -8.00 1.83 28.50
N VAL A 309 -8.49 0.91 27.68
CA VAL A 309 -9.69 1.12 26.88
C VAL A 309 -10.46 -0.19 26.83
N ARG A 310 -11.79 -0.10 26.81
CA ARG A 310 -12.62 -1.26 26.54
C ARG A 310 -13.00 -1.26 25.07
N LEU A 311 -12.75 -2.38 24.41
CA LEU A 311 -12.98 -2.55 22.99
C LEU A 311 -13.71 -3.86 22.84
N GLY A 312 -14.92 -3.80 22.29
CA GLY A 312 -15.79 -4.96 22.28
C GLY A 312 -15.90 -5.54 23.67
N GLU A 313 -15.46 -6.79 23.81
CA GLU A 313 -15.56 -7.49 25.08
C GLU A 313 -14.21 -7.59 25.79
N VAL A 314 -13.20 -6.86 25.34
CA VAL A 314 -11.83 -7.07 25.78
C VAL A 314 -11.29 -5.79 26.41
N GLU A 315 -10.60 -5.95 27.52
CA GLU A 315 -9.99 -4.84 28.24
C GLU A 315 -8.53 -4.73 27.83
N ILE A 316 -8.20 -3.64 27.16
CA ILE A 316 -6.88 -3.43 26.61
C ILE A 316 -6.13 -2.49 27.56
N ARG A 317 -4.93 -2.91 27.97
CA ARG A 317 -4.15 -2.18 28.97
C ARG A 317 -3.12 -1.28 28.30
N ALA A 318 -2.88 -0.10 28.87
CA ALA A 318 -1.96 0.84 28.28
C ALA A 318 -0.60 0.19 28.02
N GLY A 319 0.08 0.67 26.98
CA GLY A 319 1.33 0.08 26.53
C GLY A 319 1.22 -1.14 25.63
N GLU A 320 0.01 -1.72 25.46
CA GLU A 320 -0.17 -2.94 24.69
C GLU A 320 -0.31 -2.65 23.19
N LEU A 321 0.05 -3.64 22.38
CA LEU A 321 -0.03 -3.55 20.93
C LEU A 321 -1.41 -3.96 20.43
N VAL A 322 -2.03 -3.08 19.62
CA VAL A 322 -3.30 -3.34 18.94
C VAL A 322 -3.06 -3.33 17.43
N LEU A 323 -3.63 -4.33 16.74
CA LEU A 323 -3.40 -4.55 15.31
C LEU A 323 -4.74 -4.60 14.60
N VAL A 324 -4.97 -3.66 13.70
CA VAL A 324 -6.21 -3.60 12.93
C VAL A 324 -6.05 -4.42 11.66
N LEU A 325 -6.94 -5.40 11.46
CA LEU A 325 -6.91 -6.31 10.30
C LEU A 325 -7.87 -5.80 9.23
N ILE A 326 -7.33 -5.01 8.29
CA ILE A 326 -8.15 -4.34 7.28
C ILE A 326 -8.98 -5.35 6.49
N GLU A 327 -8.41 -6.50 6.13
CA GLU A 327 -9.18 -7.47 5.36
C GLU A 327 -10.35 -8.06 6.15
N GLY A 328 -10.27 -8.06 7.48
CA GLY A 328 -11.40 -8.56 8.24
C GLY A 328 -12.53 -7.55 8.25
N ALA A 329 -12.17 -6.27 8.43
CA ALA A 329 -13.15 -5.21 8.35
C ALA A 329 -13.80 -5.16 6.97
N ASN A 330 -13.00 -5.26 5.91
CA ASN A 330 -13.53 -5.04 4.57
C ASN A 330 -14.29 -6.25 4.03
N TYR A 331 -14.26 -7.40 4.72
CA TYR A 331 -15.03 -8.58 4.34
C TYR A 331 -16.11 -8.91 5.36
N ASP A 332 -16.33 -8.03 6.31
CA ASP A 332 -17.33 -8.17 7.36
C ASP A 332 -18.72 -8.16 6.75
N PRO A 333 -19.47 -9.27 6.81
CA PRO A 333 -20.82 -9.28 6.22
C PRO A 333 -21.81 -8.39 6.95
N ALA A 334 -21.52 -7.93 8.16
CA ALA A 334 -22.42 -6.98 8.81
C ALA A 334 -22.55 -5.68 8.04
N VAL A 335 -21.59 -5.38 7.16
CA VAL A 335 -21.49 -4.09 6.49
C VAL A 335 -21.49 -4.28 4.98
N PHE A 336 -21.02 -5.43 4.52
CA PHE A 336 -20.82 -5.69 3.09
C PHE A 336 -21.47 -7.03 2.77
N PRO A 337 -22.69 -7.02 2.25
CA PRO A 337 -23.33 -8.27 1.82
C PRO A 337 -22.51 -8.96 0.74
N HIS A 338 -22.62 -10.30 0.70
CA HIS A 338 -21.77 -11.17 -0.11
C HIS A 338 -20.32 -10.71 -0.18
N PRO A 339 -19.69 -10.43 0.97
CA PRO A 339 -18.36 -9.80 0.93
C PRO A 339 -17.30 -10.41 0.01
N GLU A 340 -17.45 -11.68 -0.39
CA GLU A 340 -16.43 -12.42 -1.13
C GLU A 340 -16.57 -12.29 -2.65
N ARG A 341 -17.66 -11.70 -3.13
CA ARG A 341 -17.94 -11.52 -4.54
C ARG A 341 -17.67 -10.08 -4.90
N ILE A 342 -16.80 -9.84 -5.88
CA ILE A 342 -16.55 -8.48 -6.34
C ILE A 342 -17.84 -7.94 -6.96
N ASP A 343 -18.20 -6.71 -6.60
CA ASP A 343 -19.46 -6.10 -7.00
C ASP A 343 -19.24 -4.60 -7.19
N PHE A 344 -19.43 -4.13 -8.41
CA PHE A 344 -19.22 -2.72 -8.73
C PHE A 344 -20.44 -1.85 -8.43
N ASP A 345 -21.54 -2.45 -7.98
CA ASP A 345 -22.79 -1.72 -7.83
C ASP A 345 -23.36 -1.85 -6.41
N ARG A 346 -22.48 -1.92 -5.42
CA ARG A 346 -22.93 -1.84 -4.04
C ARG A 346 -23.57 -0.50 -3.78
N GLU A 347 -24.71 -0.53 -3.08
CA GLU A 347 -25.34 0.71 -2.65
C GLU A 347 -24.37 1.60 -1.88
N SER A 348 -23.56 1.01 -1.02
CA SER A 348 -22.63 1.77 -0.21
C SER A 348 -21.39 0.92 0.07
N ASN A 349 -20.25 1.59 0.18
CA ASN A 349 -18.96 0.89 0.25
C ASN A 349 -17.98 1.71 1.09
N PRO A 350 -18.18 1.75 2.39
CA PRO A 350 -17.37 2.60 3.27
C PRO A 350 -16.15 1.85 3.82
N HIS A 351 -15.34 1.31 2.90
CA HIS A 351 -14.28 0.40 3.27
C HIS A 351 -13.16 1.14 4.01
N LEU A 352 -12.26 0.36 4.62
CA LEU A 352 -11.11 0.89 5.34
C LEU A 352 -9.78 0.67 4.61
N ALA A 353 -9.81 0.47 3.29
CA ALA A 353 -8.57 0.21 2.56
C ALA A 353 -7.53 1.30 2.74
N PHE A 354 -7.97 2.54 2.99
CA PHE A 354 -7.07 3.67 3.15
C PHE A 354 -6.87 4.03 4.63
N GLY A 355 -7.25 3.14 5.54
CA GLY A 355 -7.16 3.46 6.94
C GLY A 355 -8.40 4.23 7.38
N GLY A 356 -8.19 5.13 8.33
CA GLY A 356 -9.28 5.89 8.90
C GLY A 356 -8.74 6.77 10.01
N GLY A 357 -9.63 7.61 10.53
CA GLY A 357 -9.26 8.50 11.61
C GLY A 357 -8.15 9.44 11.19
N GLN A 358 -7.32 9.81 12.16
CA GLN A 358 -6.32 10.83 11.93
C GLN A 358 -5.31 10.43 10.85
N HIS A 359 -4.94 9.15 10.79
CA HIS A 359 -3.86 8.72 9.89
C HIS A 359 -4.38 8.18 8.56
N PHE A 360 -5.65 8.40 8.24
CA PHE A 360 -6.19 8.12 6.91
C PHE A 360 -5.26 8.56 5.80
N CYS A 361 -5.11 7.71 4.80
CA CYS A 361 -4.09 7.92 3.80
C CYS A 361 -4.12 9.32 3.15
N PRO A 362 -3.09 10.14 3.35
CA PRO A 362 -3.08 11.47 2.71
C PRO A 362 -3.12 11.44 1.20
N ALA A 363 -2.67 10.36 0.57
CA ALA A 363 -2.58 10.30 -0.88
C ALA A 363 -3.72 9.49 -1.51
N SER A 364 -4.84 9.35 -0.80
CA SER A 364 -5.90 8.46 -1.26
C SER A 364 -6.38 8.84 -2.66
N ALA A 365 -6.53 10.14 -2.91
CA ALA A 365 -6.94 10.58 -4.24
C ALA A 365 -5.90 10.22 -5.28
N LEU A 366 -4.62 10.36 -4.92
CA LEU A 366 -3.55 10.03 -5.84
C LEU A 366 -3.52 8.53 -6.14
N GLY A 367 -3.75 7.70 -5.12
CA GLY A 367 -3.77 6.26 -5.34
C GLY A 367 -4.93 5.82 -6.23
N ARG A 368 -6.11 6.42 -6.05
CA ARG A 368 -7.23 6.10 -6.93
C ARG A 368 -6.91 6.48 -8.37
N THR A 369 -6.49 7.72 -8.59
CA THR A 369 -6.17 8.19 -9.94
C THR A 369 -5.19 7.24 -10.62
N HIS A 370 -4.11 6.91 -9.91
CA HIS A 370 -3.05 6.04 -10.40
C HIS A 370 -3.60 4.69 -10.87
N ALA A 371 -4.46 4.07 -10.05
CA ALA A 371 -5.05 2.78 -10.42
C ALA A 371 -6.10 2.92 -11.52
N GLU A 372 -7.01 3.90 -11.39
CA GLU A 372 -8.03 4.11 -12.42
C GLU A 372 -7.41 4.20 -13.81
N ILE A 373 -6.36 5.01 -13.94
CA ILE A 373 -5.76 5.21 -15.24
C ILE A 373 -5.06 3.94 -15.73
N ALA A 374 -4.37 3.24 -14.85
CA ALA A 374 -3.68 2.03 -15.26
C ALA A 374 -4.66 0.96 -15.73
N LEU A 375 -5.76 0.77 -14.99
CA LEU A 375 -6.69 -0.31 -15.33
C LEU A 375 -7.44 0.02 -16.61
N THR A 376 -7.80 1.30 -16.78
CA THR A 376 -8.42 1.73 -18.03
C THR A 376 -7.53 1.42 -19.23
N ALA A 377 -6.22 1.67 -19.10
CA ALA A 377 -5.31 1.36 -20.19
C ALA A 377 -5.18 -0.14 -20.39
N LEU A 378 -5.21 -0.90 -19.29
CA LEU A 378 -5.02 -2.34 -19.36
C LEU A 378 -6.14 -3.03 -20.12
N VAL A 379 -7.39 -2.64 -19.87
CA VAL A 379 -8.49 -3.36 -20.48
C VAL A 379 -8.80 -2.88 -21.90
N GLU A 380 -8.35 -1.68 -22.28
CA GLU A 380 -8.39 -1.30 -23.69
C GLU A 380 -7.36 -2.09 -24.50
N LYS A 381 -6.13 -2.15 -24.00
CA LYS A 381 -4.99 -2.63 -24.77
C LYS A 381 -4.81 -4.14 -24.75
N LEU A 382 -5.25 -4.82 -23.68
CA LEU A 382 -5.13 -6.27 -23.55
C LEU A 382 -6.51 -6.85 -23.28
N PRO A 383 -7.40 -6.84 -24.29
CA PRO A 383 -8.80 -7.20 -24.02
C PRO A 383 -9.00 -8.68 -23.70
N ALA A 384 -8.11 -9.56 -24.12
CA ALA A 384 -8.19 -10.97 -23.76
C ALA A 384 -7.29 -11.31 -22.56
N LEU A 385 -6.99 -10.32 -21.73
CA LEU A 385 -6.10 -10.54 -20.59
C LEU A 385 -6.58 -11.67 -19.70
N ARG A 386 -5.67 -12.62 -19.42
CA ARG A 386 -5.89 -13.72 -18.50
C ARG A 386 -4.55 -14.18 -17.93
N LEU A 387 -4.62 -14.98 -16.86
CA LEU A 387 -3.41 -15.53 -16.27
C LEU A 387 -2.82 -16.61 -17.16
N ALA A 388 -1.50 -16.64 -17.25
CA ALA A 388 -0.83 -17.62 -18.08
C ALA A 388 -0.77 -19.01 -17.47
N LEU A 389 -1.14 -19.16 -16.20
CA LEU A 389 -1.10 -20.46 -15.54
C LEU A 389 -2.14 -20.44 -14.45
N PRO A 390 -2.48 -21.59 -13.86
CA PRO A 390 -3.51 -21.59 -12.82
C PRO A 390 -3.13 -20.67 -11.67
N VAL A 391 -4.12 -19.91 -11.19
CA VAL A 391 -3.88 -18.89 -10.18
C VAL A 391 -3.22 -19.49 -8.95
N GLU A 392 -3.48 -20.78 -8.67
CA GLU A 392 -2.90 -21.43 -7.50
C GLU A 392 -1.41 -21.66 -7.62
N GLN A 393 -0.82 -21.45 -8.80
CA GLN A 393 0.61 -21.67 -8.98
C GLN A 393 1.42 -20.39 -8.97
N LEU A 394 0.78 -19.25 -8.75
CA LEU A 394 1.51 -18.02 -8.51
C LEU A 394 2.40 -18.17 -7.29
N ALA A 395 3.58 -17.55 -7.33
CA ALA A 395 4.51 -17.55 -6.21
C ALA A 395 4.30 -16.30 -5.37
N TRP A 396 3.84 -16.46 -4.13
CA TRP A 396 3.52 -15.33 -3.28
C TRP A 396 4.71 -14.97 -2.40
N ARG A 397 5.00 -13.67 -2.27
CA ARG A 397 6.23 -13.25 -1.60
C ARG A 397 6.13 -13.50 -0.10
N PRO A 398 7.09 -14.20 0.49
CA PRO A 398 7.10 -14.34 1.94
C PRO A 398 7.71 -13.12 2.58
N GLY A 399 7.37 -12.92 3.86
CA GLY A 399 8.13 -12.04 4.72
C GLY A 399 8.18 -10.59 4.29
N PHE A 400 7.05 -10.05 3.79
CA PHE A 400 7.02 -8.70 3.24
C PHE A 400 5.78 -8.00 3.78
N ILE A 401 5.81 -6.65 3.77
CA ILE A 401 4.67 -5.89 4.28
C ILE A 401 3.45 -6.08 3.40
N LYS A 402 3.65 -6.28 2.10
CA LYS A 402 2.57 -6.53 1.17
C LYS A 402 2.53 -8.01 0.80
N ARG A 403 1.32 -8.51 0.53
CA ARG A 403 1.14 -9.75 -0.22
C ARG A 403 1.24 -9.42 -1.69
N LEU A 404 2.16 -10.06 -2.41
CA LEU A 404 2.22 -9.80 -3.83
C LEU A 404 2.79 -11.03 -4.53
N PRO A 405 2.44 -11.24 -5.79
CA PRO A 405 3.07 -12.33 -6.55
C PRO A 405 4.46 -11.91 -6.99
N GLU A 406 5.44 -12.81 -6.85
CA GLU A 406 6.78 -12.50 -7.31
C GLU A 406 6.81 -12.19 -8.80
N ARG A 407 6.06 -12.96 -9.58
CA ARG A 407 5.83 -12.76 -11.01
C ARG A 407 4.33 -12.75 -11.25
N LEU A 408 3.92 -12.07 -12.32
CA LEU A 408 2.51 -12.03 -12.74
C LEU A 408 2.45 -12.30 -14.24
N PRO A 409 2.72 -13.55 -14.67
CA PRO A 409 2.72 -13.87 -16.10
C PRO A 409 1.30 -13.97 -16.66
N VAL A 410 1.01 -13.22 -17.73
CA VAL A 410 -0.32 -13.14 -18.30
C VAL A 410 -0.26 -13.40 -19.80
N LEU A 411 -1.44 -13.60 -20.39
CA LEU A 411 -1.63 -13.74 -21.82
C LEU A 411 -2.71 -12.76 -22.25
N TRP A 412 -2.83 -12.57 -23.57
CA TRP A 412 -3.85 -11.68 -24.09
C TRP A 412 -4.01 -11.90 -25.58
#